data_4EM7
#
_entry.id   4EM7
#
_cell.length_a   73.866
_cell.length_b   94.569
_cell.length_c   60.871
_cell.angle_alpha   90.000
_cell.angle_beta   90.000
_cell.angle_gamma   90.000
#
_symmetry.space_group_name_H-M   'C 2 2 21'
#
loop_
_entity.id
_entity.type
_entity.pdbx_description
1 polymer 'DNA topoisomerase IV, B subunit'
2 non-polymer '3-[3-(1H-pyrrolo[2,3-b]pyridin-5-yl)phenyl]propanoic acid'
3 water water
#
_entity_poly.entity_id   1
_entity_poly.type   'polypeptide(L)'
_entity_poly.pdbx_seq_one_letter_code
;MSKKEININNYNDDAIQVLEGLDAVRKRPGMYIGSTDGAGLHHLVWEIVDNAVDEALSGFGDRIDVTINKDGSLTVQDHG
RGMPTGMHAMGIPTVEVIFTILHAGGKFGQGGYKTSGGLHGVGSSVVNALSSWLEVEITRDGAVYKQRFENGGKPVTTLK
KIGTALKSKTGTKVTFMPDATIFSTTDFKYNTISERLNESAFLLKNVTLSLTDKRTDEAIEFHYEN
;
_entity_poly.pdbx_strand_id   A
#
# COMPACT_ATOMS: atom_id res chain seq x y z
N GLN A 17 6.09 -17.84 -17.36
CA GLN A 17 5.16 -17.00 -16.55
C GLN A 17 4.06 -16.39 -17.42
N VAL A 18 2.81 -16.72 -17.12
CA VAL A 18 1.67 -16.13 -17.81
C VAL A 18 1.21 -14.92 -16.98
N LEU A 19 1.25 -13.75 -17.59
CA LEU A 19 0.77 -12.53 -16.95
C LEU A 19 -0.74 -12.46 -17.10
N GLU A 20 -1.39 -11.83 -16.12
CA GLU A 20 -2.84 -11.69 -16.14
C GLU A 20 -3.25 -10.27 -15.78
N GLY A 21 -4.47 -9.90 -16.16
CA GLY A 21 -5.06 -8.63 -15.76
C GLY A 21 -5.72 -8.77 -14.40
N LEU A 22 -6.20 -7.66 -13.86
CA LEU A 22 -6.74 -7.64 -12.50
C LEU A 22 -8.07 -8.38 -12.36
N ASP A 23 -8.77 -8.60 -13.47
CA ASP A 23 -10.00 -9.40 -13.48
C ASP A 23 -9.79 -10.82 -12.93
N ALA A 24 -8.60 -11.37 -13.15
CA ALA A 24 -8.25 -12.70 -12.64
C ALA A 24 -8.28 -12.76 -11.12
N VAL A 25 -7.83 -11.70 -10.47
CA VAL A 25 -7.87 -11.61 -9.01
C VAL A 25 -9.30 -11.43 -8.53
N ARG A 26 -10.05 -10.54 -9.18
CA ARG A 26 -11.43 -10.24 -8.78
C ARG A 26 -12.36 -11.45 -8.92
N LYS A 27 -12.08 -12.33 -9.89
CA LYS A 27 -12.90 -13.53 -10.10
C LYS A 27 -12.50 -14.70 -9.19
N ARG A 28 -11.28 -14.68 -8.64
CA ARG A 28 -10.84 -15.72 -7.70
C ARG A 28 -9.99 -15.11 -6.58
N PRO A 29 -10.60 -14.23 -5.77
CA PRO A 29 -9.82 -13.51 -4.76
C PRO A 29 -9.18 -14.44 -3.71
N GLY A 30 -9.88 -15.52 -3.34
CA GLY A 30 -9.37 -16.49 -2.37
C GLY A 30 -8.04 -17.13 -2.75
N MET A 31 -7.79 -17.22 -4.05
CA MET A 31 -6.53 -17.74 -4.57
C MET A 31 -5.33 -16.83 -4.23
N TYR A 32 -5.60 -15.55 -4.02
CA TYR A 32 -4.53 -14.57 -3.80
C TYR A 32 -4.43 -14.06 -2.37
N ILE A 33 -5.57 -13.97 -1.68
CA ILE A 33 -5.57 -13.49 -0.29
C ILE A 33 -6.19 -14.47 0.72
N GLY A 34 -6.49 -15.69 0.27
CA GLY A 34 -6.94 -16.76 1.16
C GLY A 34 -8.44 -16.82 1.36
N SER A 35 -9.05 -15.65 1.55
CA SER A 35 -10.47 -15.56 1.88
C SER A 35 -10.95 -14.13 1.64
N THR A 36 -12.26 -13.91 1.73
CA THR A 36 -12.84 -12.59 1.56
C THR A 36 -13.50 -12.09 2.85
N ASP A 37 -13.10 -12.68 3.98
CA ASP A 37 -13.54 -12.23 5.30
C ASP A 37 -12.52 -11.26 5.86
N GLY A 38 -12.55 -11.03 7.18
CA GLY A 38 -11.60 -10.14 7.84
C GLY A 38 -10.14 -10.53 7.69
N ALA A 39 -9.87 -11.83 7.61
CA ALA A 39 -8.51 -12.32 7.40
C ALA A 39 -8.01 -11.88 6.02
N GLY A 40 -8.85 -12.03 5.00
CA GLY A 40 -8.50 -11.58 3.66
C GLY A 40 -8.33 -10.08 3.55
N LEU A 41 -9.26 -9.33 4.17
CA LEU A 41 -9.19 -7.87 4.22
C LEU A 41 -7.83 -7.39 4.76
N HIS A 42 -7.37 -8.03 5.82
CA HIS A 42 -6.12 -7.63 6.46
C HIS A 42 -4.89 -8.09 5.73
N HIS A 43 -5.01 -9.14 4.90
CA HIS A 43 -3.89 -9.54 4.03
CA HIS A 43 -3.91 -9.55 4.02
C HIS A 43 -3.52 -8.42 3.11
N LEU A 44 -4.50 -7.60 2.70
CA LEU A 44 -4.22 -6.43 1.85
C LEU A 44 -3.29 -5.45 2.56
N VAL A 45 -3.56 -5.19 3.84
CA VAL A 45 -2.71 -4.32 4.66
C VAL A 45 -1.30 -4.90 4.75
N TRP A 46 -1.21 -6.20 5.01
CA TRP A 46 0.10 -6.85 5.15
C TRP A 46 0.93 -6.70 3.90
N GLU A 47 0.31 -6.83 2.73
CA GLU A 47 1.02 -6.72 1.45
C GLU A 47 1.64 -5.33 1.26
N ILE A 48 0.87 -4.29 1.57
CA ILE A 48 1.34 -2.91 1.40
C ILE A 48 2.39 -2.57 2.45
N VAL A 49 2.15 -2.99 3.70
CA VAL A 49 3.13 -2.78 4.77
C VAL A 49 4.42 -3.54 4.48
N ASP A 50 4.31 -4.76 3.97
CA ASP A 50 5.49 -5.59 3.74
C ASP A 50 6.42 -5.00 2.66
N ASN A 51 5.85 -4.31 1.67
CA ASN A 51 6.67 -3.61 0.67
C ASN A 51 7.50 -2.48 1.31
N ALA A 52 6.89 -1.74 2.23
CA ALA A 52 7.60 -0.68 2.96
C ALA A 52 8.66 -1.29 3.89
N VAL A 53 8.30 -2.37 4.56
CA VAL A 53 9.23 -3.10 5.41
C VAL A 53 10.45 -3.61 4.64
N ASP A 54 10.23 -4.18 3.45
CA ASP A 54 11.31 -4.67 2.59
C ASP A 54 12.29 -3.56 2.23
N GLU A 55 11.77 -2.38 1.89
CA GLU A 55 12.61 -1.20 1.65
C GLU A 55 13.48 -0.86 2.86
N ALA A 56 12.84 -0.83 4.04
CA ALA A 56 13.53 -0.49 5.29
C ALA A 56 14.59 -1.53 5.66
N LEU A 57 14.30 -2.80 5.39
CA LEU A 57 15.26 -3.88 5.60
C LEU A 57 16.55 -3.66 4.81
N SER A 58 16.40 -3.15 3.58
CA SER A 58 17.53 -2.80 2.72
C SER A 58 18.21 -1.48 3.13
N GLY A 59 17.72 -0.85 4.18
CA GLY A 59 18.31 0.37 4.73
C GLY A 59 17.74 1.68 4.19
N PHE A 60 16.61 1.60 3.49
CA PHE A 60 15.97 2.79 2.92
C PHE A 60 14.72 3.17 3.70
N GLY A 61 14.85 4.17 4.56
CA GLY A 61 13.74 4.68 5.36
C GLY A 61 13.79 4.12 6.78
N ASP A 62 13.53 4.97 7.77
CA ASP A 62 13.53 4.53 9.18
C ASP A 62 12.21 4.81 9.90
N ARG A 63 11.16 5.10 9.15
CA ARG A 63 9.82 5.09 9.73
C ARG A 63 8.76 4.72 8.72
N ILE A 64 7.77 3.97 9.19
CA ILE A 64 6.66 3.54 8.37
C ILE A 64 5.40 3.90 9.14
N ASP A 65 4.58 4.77 8.55
CA ASP A 65 3.38 5.27 9.22
C ASP A 65 2.13 4.73 8.57
N VAL A 66 1.28 4.09 9.38
CA VAL A 66 0.03 3.52 8.91
C VAL A 66 -1.14 4.31 9.51
N THR A 67 -2.10 4.68 8.67
CA THR A 67 -3.27 5.43 9.12
C THR A 67 -4.56 4.77 8.64
N ILE A 68 -5.48 4.51 9.57
CA ILE A 68 -6.82 4.08 9.21
C ILE A 68 -7.64 5.36 9.13
N ASN A 69 -8.04 5.72 7.92
CA ASN A 69 -8.70 7.00 7.68
C ASN A 69 -10.18 6.95 8.05
N LYS A 70 -10.77 8.12 8.27
CA LYS A 70 -12.19 8.21 8.69
C LYS A 70 -13.14 7.54 7.69
N ASP A 71 -12.85 7.67 6.41
CA ASP A 71 -13.71 7.10 5.35
C ASP A 71 -13.57 5.58 5.18
N GLY A 72 -12.72 4.95 5.99
CA GLY A 72 -12.53 3.49 5.92
C GLY A 72 -11.34 3.05 5.09
N SER A 73 -10.70 3.98 4.39
CA SER A 73 -9.50 3.65 3.62
C SER A 73 -8.30 3.53 4.55
N LEU A 74 -7.19 3.04 4.02
CA LEU A 74 -5.99 2.85 4.82
C LEU A 74 -4.77 3.37 4.06
N THR A 75 -3.88 4.08 4.77
CA THR A 75 -2.69 4.66 4.19
C THR A 75 -1.43 4.06 4.79
N VAL A 76 -0.46 3.73 3.94
CA VAL A 76 0.87 3.35 4.40
C VAL A 76 1.87 4.30 3.74
N GLN A 77 2.62 5.01 4.57
CA GLN A 77 3.63 5.93 4.09
C GLN A 77 5.02 5.48 4.55
N ASP A 78 5.98 5.46 3.63
CA ASP A 78 7.35 5.15 3.96
C ASP A 78 8.28 6.23 3.43
N HIS A 79 9.54 6.16 3.85
CA HIS A 79 10.56 7.10 3.45
C HIS A 79 11.69 6.38 2.78
N GLY A 80 11.35 5.33 2.04
CA GLY A 80 12.30 4.61 1.22
C GLY A 80 12.64 5.39 -0.03
N ARG A 81 13.16 4.71 -1.04
CA ARG A 81 13.69 5.37 -2.23
C ARG A 81 12.61 6.04 -3.09
N GLY A 82 11.36 5.61 -2.93
CA GLY A 82 10.28 6.02 -3.81
C GLY A 82 10.25 5.01 -4.94
N MET A 83 9.05 4.48 -5.21
CA MET A 83 8.85 3.56 -6.33
C MET A 83 9.30 4.22 -7.64
N PRO A 84 9.61 3.41 -8.66
CA PRO A 84 10.11 3.97 -9.93
C PRO A 84 9.12 4.97 -10.55
N THR A 85 9.64 6.13 -10.96
CA THR A 85 8.82 7.18 -11.55
C THR A 85 8.91 7.22 -13.07
N GLY A 86 9.72 6.33 -13.65
CA GLY A 86 9.95 6.32 -15.10
C GLY A 86 8.88 5.60 -15.89
N MET A 87 9.13 5.44 -17.19
CA MET A 87 8.19 4.84 -18.13
C MET A 87 8.58 3.41 -18.46
N HIS A 88 7.57 2.58 -18.70
CA HIS A 88 7.73 1.25 -19.26
C HIS A 88 7.58 1.41 -20.75
N ALA A 89 7.15 0.36 -21.45
CA ALA A 89 6.79 0.48 -22.86
C ALA A 89 5.57 1.38 -23.05
N MET A 90 5.48 2.01 -24.23
CA MET A 90 4.28 2.74 -24.67
C MET A 90 3.86 3.91 -23.78
N GLY A 91 4.83 4.54 -23.11
CA GLY A 91 4.55 5.67 -22.24
C GLY A 91 3.75 5.33 -20.99
N ILE A 92 3.64 4.04 -20.69
CA ILE A 92 2.95 3.57 -19.50
C ILE A 92 3.93 3.67 -18.35
N PRO A 93 3.55 4.37 -17.26
CA PRO A 93 4.44 4.46 -16.11
C PRO A 93 4.77 3.08 -15.53
N THR A 94 6.02 2.88 -15.13
CA THR A 94 6.45 1.66 -14.46
C THR A 94 5.55 1.34 -13.26
N VAL A 95 5.15 2.36 -12.52
CA VAL A 95 4.29 2.16 -11.35
C VAL A 95 2.92 1.61 -11.76
N GLU A 96 2.41 2.03 -12.91
CA GLU A 96 1.14 1.51 -13.42
C GLU A 96 1.24 0.02 -13.78
N VAL A 97 2.37 -0.37 -14.38
CA VAL A 97 2.61 -1.79 -14.68
C VAL A 97 2.65 -2.62 -13.40
N ILE A 98 3.30 -2.10 -12.37
CA ILE A 98 3.37 -2.79 -11.07
C ILE A 98 1.98 -2.98 -10.46
N PHE A 99 1.14 -1.95 -10.57
CA PHE A 99 -0.18 -1.97 -9.93
C PHE A 99 -1.32 -2.59 -10.76
N THR A 100 -1.08 -2.89 -12.03
CA THR A 100 -2.15 -3.38 -12.92
C THR A 100 -1.88 -4.71 -13.65
N ILE A 101 -0.68 -5.24 -13.53
CA ILE A 101 -0.37 -6.53 -14.14
C ILE A 101 -0.04 -7.53 -13.06
N LEU A 102 -0.73 -8.67 -13.09
CA LEU A 102 -0.55 -9.74 -12.13
C LEU A 102 0.54 -10.68 -12.66
N HIS A 103 1.63 -10.79 -11.90
CA HIS A 103 2.77 -11.62 -12.29
C HIS A 103 2.65 -13.00 -11.69
N ALA A 104 1.43 -13.55 -11.70
CA ALA A 104 1.14 -14.83 -11.07
C ALA A 104 1.51 -15.99 -11.99
N VAL A 122 4.08 -9.50 -6.18
CA VAL A 122 2.77 -9.46 -6.83
C VAL A 122 1.70 -8.82 -5.94
N GLY A 123 2.10 -8.39 -4.74
CA GLY A 123 1.16 -7.85 -3.75
C GLY A 123 0.41 -6.61 -4.18
N SER A 124 1.11 -5.66 -4.80
CA SER A 124 0.54 -4.35 -5.14
C SER A 124 -0.66 -4.44 -6.08
N SER A 125 -0.51 -5.23 -7.14
CA SER A 125 -1.59 -5.40 -8.12
C SER A 125 -2.82 -6.08 -7.49
N VAL A 126 -2.59 -7.04 -6.60
CA VAL A 126 -3.69 -7.73 -5.91
C VAL A 126 -4.51 -6.77 -5.03
N VAL A 127 -3.82 -5.90 -4.29
CA VAL A 127 -4.52 -4.89 -3.47
C VAL A 127 -5.35 -3.96 -4.37
N ASN A 128 -4.74 -3.51 -5.46
CA ASN A 128 -5.43 -2.63 -6.42
C ASN A 128 -6.67 -3.29 -7.02
N ALA A 129 -6.54 -4.55 -7.44
CA ALA A 129 -7.66 -5.32 -7.98
C ALA A 129 -8.86 -5.40 -7.03
N LEU A 130 -8.59 -5.48 -5.72
CA LEU A 130 -9.63 -5.69 -4.72
C LEU A 130 -10.00 -4.40 -3.97
N SER A 131 -9.64 -3.25 -4.55
CA SER A 131 -9.96 -1.95 -3.99
C SER A 131 -10.91 -1.19 -4.92
N SER A 132 -11.89 -0.48 -4.35
CA SER A 132 -12.75 0.38 -5.14
C SER A 132 -12.01 1.66 -5.56
N TRP A 133 -10.98 2.03 -4.81
CA TRP A 133 -9.98 2.98 -5.30
C TRP A 133 -8.65 2.83 -4.60
N LEU A 134 -7.60 3.31 -5.26
CA LEU A 134 -6.25 3.26 -4.74
C LEU A 134 -5.47 4.44 -5.29
N GLU A 135 -4.68 5.09 -4.43
CA GLU A 135 -3.78 6.16 -4.82
C GLU A 135 -2.36 5.83 -4.40
N VAL A 136 -1.40 6.09 -5.30
CA VAL A 136 0.01 5.96 -4.97
C VAL A 136 0.67 7.32 -5.18
N GLU A 137 1.38 7.77 -4.15
CA GLU A 137 2.11 9.04 -4.21
CA GLU A 137 2.12 9.03 -4.20
C GLU A 137 3.59 8.74 -4.01
N ILE A 138 4.42 9.23 -4.93
CA ILE A 138 5.85 9.01 -4.89
C ILE A 138 6.59 10.34 -4.78
N THR A 139 7.55 10.42 -3.86
CA THR A 139 8.38 11.61 -3.71
C THR A 139 9.83 11.23 -3.98
N ARG A 140 10.46 11.93 -4.91
CA ARG A 140 11.90 11.82 -5.13
C ARG A 140 12.43 12.83 -6.13
N ASP A 141 13.70 13.14 -5.99
CA ASP A 141 14.40 14.07 -6.89
C ASP A 141 13.75 15.45 -6.94
N GLY A 142 13.17 15.89 -5.82
CA GLY A 142 12.53 17.20 -5.74
C GLY A 142 11.08 17.28 -6.23
N ALA A 143 10.52 16.14 -6.63
CA ALA A 143 9.17 16.10 -7.20
C ALA A 143 8.26 15.13 -6.43
N VAL A 144 6.97 15.46 -6.45
CA VAL A 144 5.95 14.59 -5.88
C VAL A 144 5.00 14.20 -7.01
N TYR A 145 4.82 12.89 -7.19
CA TYR A 145 3.97 12.36 -8.26
C TYR A 145 2.83 11.56 -7.66
N LYS A 146 1.74 11.45 -8.41
CA LYS A 146 0.57 10.70 -7.95
C LYS A 146 -0.15 10.02 -9.11
N GLN A 147 -0.60 8.79 -8.87
CA GLN A 147 -1.51 8.10 -9.77
C GLN A 147 -2.70 7.55 -9.00
N ARG A 148 -3.90 7.65 -9.59
CA ARG A 148 -5.13 7.16 -8.98
C ARG A 148 -5.75 6.06 -9.84
N PHE A 149 -6.22 5.02 -9.17
CA PHE A 149 -6.93 3.91 -9.80
C PHE A 149 -8.31 3.80 -9.17
N GLU A 150 -9.31 3.36 -9.94
CA GLU A 150 -10.65 3.14 -9.42
C GLU A 150 -11.28 1.86 -9.94
N ASN A 151 -12.28 1.39 -9.20
CA ASN A 151 -13.12 0.26 -9.62
CA ASN A 151 -13.12 0.26 -9.59
C ASN A 151 -12.32 -0.99 -9.99
N GLY A 152 -11.54 -1.49 -9.03
CA GLY A 152 -10.74 -2.68 -9.25
C GLY A 152 -9.50 -2.46 -10.09
N GLY A 153 -8.90 -1.27 -9.96
CA GLY A 153 -7.55 -1.03 -10.48
C GLY A 153 -7.42 -0.45 -11.86
N LYS A 154 -8.50 0.17 -12.36
CA LYS A 154 -8.46 0.86 -13.65
C LYS A 154 -7.86 2.25 -13.42
N PRO A 155 -6.77 2.59 -14.13
CA PRO A 155 -6.19 3.92 -13.92
C PRO A 155 -7.11 5.03 -14.42
N VAL A 156 -7.34 6.04 -13.58
CA VAL A 156 -8.15 7.20 -13.98
C VAL A 156 -7.28 8.45 -14.18
N THR A 157 -6.00 8.37 -13.80
CA THR A 157 -5.01 9.38 -14.16
C THR A 157 -3.75 8.64 -14.61
N THR A 158 -2.82 9.35 -15.23
CA THR A 158 -1.48 8.82 -15.42
C THR A 158 -0.68 9.12 -14.15
N LEU A 159 0.62 8.84 -14.15
CA LEU A 159 1.47 9.27 -13.05
C LEU A 159 1.83 10.72 -13.32
N LYS A 160 1.23 11.63 -12.56
CA LYS A 160 1.40 13.06 -12.81
C LYS A 160 2.11 13.74 -11.66
N LYS A 161 2.95 14.71 -12.00
CA LYS A 161 3.63 15.52 -11.01
C LYS A 161 2.60 16.45 -10.37
N ILE A 162 2.45 16.35 -9.06
CA ILE A 162 1.48 17.17 -8.33
C ILE A 162 2.13 18.29 -7.51
N GLY A 163 3.41 18.15 -7.18
CA GLY A 163 4.12 19.18 -6.42
C GLY A 163 5.61 18.96 -6.32
N THR A 164 6.22 19.70 -5.40
CA THR A 164 7.66 19.63 -5.17
C THR A 164 7.99 19.37 -3.70
N ALA A 165 9.22 18.93 -3.46
CA ALA A 165 9.73 18.67 -2.12
C ALA A 165 11.23 18.95 -2.12
N LEU A 166 11.81 18.96 -0.93
CA LEU A 166 13.26 19.10 -0.82
C LEU A 166 13.90 17.94 -1.55
N LYS A 167 15.02 18.21 -2.21
CA LYS A 167 15.73 17.20 -3.01
C LYS A 167 16.06 15.95 -2.21
N SER A 168 16.32 16.10 -0.93
CA SER A 168 16.64 14.98 -0.04
C SER A 168 15.45 14.05 0.22
N LYS A 169 14.24 14.58 0.12
CA LYS A 169 13.04 13.83 0.51
C LYS A 169 12.73 12.69 -0.45
N THR A 170 12.49 11.50 0.10
CA THR A 170 12.13 10.34 -0.70
C THR A 170 11.07 9.51 0.02
N GLY A 171 10.28 8.77 -0.75
CA GLY A 171 9.29 7.86 -0.16
C GLY A 171 8.11 7.56 -1.04
N THR A 172 7.28 6.63 -0.56
CA THR A 172 6.07 6.19 -1.23
C THR A 172 4.93 6.18 -0.22
N LYS A 173 3.77 6.67 -0.66
CA LYS A 173 2.53 6.61 0.13
C LYS A 173 1.46 5.91 -0.71
N VAL A 174 0.87 4.86 -0.14
CA VAL A 174 -0.19 4.12 -0.81
C VAL A 174 -1.42 4.20 0.06
N THR A 175 -2.55 4.60 -0.53
CA THR A 175 -3.84 4.64 0.15
C THR A 175 -4.85 3.87 -0.68
N PHE A 176 -5.59 2.98 -0.02
CA PHE A 176 -6.58 2.18 -0.73
C PHE A 176 -7.87 2.00 0.06
N MET A 177 -8.96 1.88 -0.67
CA MET A 177 -10.28 1.63 -0.11
C MET A 177 -10.69 0.23 -0.56
N PRO A 178 -10.77 -0.73 0.38
CA PRO A 178 -11.15 -2.10 -0.01
C PRO A 178 -12.56 -2.15 -0.62
N ASP A 179 -12.74 -3.02 -1.60
CA ASP A 179 -14.00 -3.12 -2.35
C ASP A 179 -15.08 -3.81 -1.52
N ALA A 180 -16.10 -3.06 -1.12
CA ALA A 180 -17.20 -3.59 -0.31
C ALA A 180 -18.04 -4.63 -1.08
N THR A 181 -17.94 -4.67 -2.40
CA THR A 181 -18.63 -5.69 -3.19
C THR A 181 -17.89 -7.03 -3.19
N ILE A 182 -16.67 -7.06 -2.66
CA ILE A 182 -15.87 -8.28 -2.57
C ILE A 182 -15.80 -8.84 -1.15
N PHE A 183 -15.50 -7.97 -0.18
CA PHE A 183 -15.28 -8.41 1.19
C PHE A 183 -16.55 -8.39 2.02
N SER A 184 -16.72 -9.39 2.89
CA SER A 184 -17.89 -9.46 3.78
C SER A 184 -17.80 -8.44 4.91
N THR A 185 -16.57 -7.99 5.20
CA THR A 185 -16.34 -6.88 6.12
C THR A 185 -15.25 -5.98 5.52
N THR A 186 -15.43 -4.66 5.66
CA THR A 186 -14.42 -3.69 5.22
C THR A 186 -13.93 -2.87 6.41
N ASP A 187 -14.12 -3.39 7.61
CA ASP A 187 -13.74 -2.72 8.85
CA ASP A 187 -13.72 -2.71 8.83
C ASP A 187 -12.33 -3.18 9.28
N PHE A 188 -11.35 -2.30 9.13
CA PHE A 188 -9.99 -2.59 9.60
C PHE A 188 -10.01 -2.63 11.13
N LYS A 189 -9.25 -3.55 11.71
CA LYS A 189 -9.22 -3.75 13.14
C LYS A 189 -7.90 -3.23 13.69
N TYR A 190 -8.00 -2.18 14.51
CA TYR A 190 -6.84 -1.51 15.08
C TYR A 190 -5.92 -2.49 15.81
N ASN A 191 -6.50 -3.34 16.66
CA ASN A 191 -5.71 -4.26 17.48
C ASN A 191 -4.92 -5.26 16.63
N THR A 192 -5.56 -5.76 15.57
CA THR A 192 -4.93 -6.71 14.65
C THR A 192 -3.73 -6.06 13.93
N ILE A 193 -3.91 -4.84 13.46
CA ILE A 193 -2.84 -4.14 12.72
C ILE A 193 -1.72 -3.75 13.69
N SER A 194 -2.10 -3.21 14.85
CA SER A 194 -1.13 -2.86 15.89
C SER A 194 -0.17 -4.01 16.20
N GLU A 195 -0.73 -5.19 16.43
CA GLU A 195 0.06 -6.40 16.72
C GLU A 195 1.05 -6.73 15.61
N ARG A 196 0.59 -6.68 14.37
N ARG A 196 0.59 -6.68 14.36
CA ARG A 196 1.44 -6.97 13.21
CA ARG A 196 1.45 -6.97 13.21
C ARG A 196 2.57 -5.96 13.06
C ARG A 196 2.58 -5.96 13.05
N LEU A 197 2.27 -4.68 13.27
CA LEU A 197 3.28 -3.62 13.17
C LEU A 197 4.32 -3.70 14.29
N ASN A 198 3.87 -4.07 15.49
CA ASN A 198 4.76 -4.31 16.62
C ASN A 198 5.78 -5.41 16.26
N GLU A 199 5.26 -6.53 15.75
CA GLU A 199 6.11 -7.65 15.32
C GLU A 199 7.10 -7.25 14.22
N SER A 200 6.64 -6.49 13.22
CA SER A 200 7.51 -6.03 12.14
C SER A 200 8.61 -5.11 12.66
N ALA A 201 8.25 -4.22 13.60
CA ALA A 201 9.24 -3.33 14.24
C ALA A 201 10.31 -4.14 14.97
N PHE A 202 9.90 -5.20 15.67
CA PHE A 202 10.84 -6.06 16.39
C PHE A 202 11.80 -6.80 15.45
N LEU A 203 11.28 -7.25 14.31
CA LEU A 203 12.11 -7.97 13.34
C LEU A 203 13.04 -7.05 12.56
N LEU A 204 12.59 -5.84 12.26
CA LEU A 204 13.39 -4.86 11.50
C LEU A 204 14.54 -4.29 12.33
N LYS A 205 14.22 -3.84 13.53
CA LYS A 205 15.14 -3.07 14.39
C LYS A 205 15.38 -1.67 13.83
N ASN A 206 15.49 -0.69 14.73
CA ASN A 206 15.88 0.68 14.38
C ASN A 206 14.99 1.35 13.32
N VAL A 207 13.72 0.94 13.27
CA VAL A 207 12.74 1.54 12.38
C VAL A 207 11.47 1.80 13.19
N THR A 208 10.94 3.03 13.13
CA THR A 208 9.70 3.32 13.83
C THR A 208 8.49 2.94 12.97
N LEU A 209 7.58 2.16 13.55
CA LEU A 209 6.31 1.88 12.90
C LEU A 209 5.21 2.52 13.72
N SER A 210 4.30 3.23 13.05
CA SER A 210 3.21 3.89 13.76
C SER A 210 1.86 3.52 13.17
N LEU A 211 0.85 3.58 14.04
CA LEU A 211 -0.53 3.34 13.65
C LEU A 211 -1.39 4.43 14.26
N THR A 212 -2.21 5.06 13.43
CA THR A 212 -3.14 6.09 13.87
C THR A 212 -4.52 5.74 13.33
N ASP A 213 -5.52 5.73 14.20
CA ASP A 213 -6.89 5.44 13.79
C ASP A 213 -7.71 6.73 13.87
N LYS A 214 -8.06 7.28 12.70
CA LYS A 214 -8.81 8.54 12.65
C LYS A 214 -10.31 8.36 12.95
N ARG A 215 -10.77 7.12 13.04
CA ARG A 215 -12.16 6.82 13.40
C ARG A 215 -12.38 6.97 14.91
N THR A 216 -11.34 6.64 15.68
CA THR A 216 -11.38 6.69 17.14
C THR A 216 -10.34 7.63 17.78
N ASP A 217 -9.41 8.14 16.97
CA ASP A 217 -8.24 8.93 17.43
C ASP A 217 -7.11 8.13 18.10
N GLU A 218 -7.25 6.82 18.21
CA GLU A 218 -6.22 5.97 18.81
C GLU A 218 -4.91 6.09 18.06
N ALA A 219 -3.80 6.00 18.78
CA ALA A 219 -2.48 6.04 18.15
C ALA A 219 -1.44 5.32 19.00
N ILE A 220 -0.46 4.75 18.30
CA ILE A 220 0.64 4.04 18.95
C ILE A 220 1.86 4.04 18.02
N GLU A 221 3.05 3.95 18.60
CA GLU A 221 4.30 3.81 17.86
C GLU A 221 5.15 2.71 18.44
N PHE A 222 5.91 2.03 17.59
CA PHE A 222 6.81 0.96 18.00
C PHE A 222 8.20 1.21 17.43
N HIS A 223 9.23 0.92 18.24
CA HIS A 223 10.61 1.08 17.81
C HIS A 223 11.50 0.26 18.71
N TYR A 224 12.27 -0.64 18.12
CA TYR A 224 13.20 -1.47 18.89
C TYR A 224 14.63 -1.19 18.47
N GLU A 225 15.44 -0.67 19.39
CA GLU A 225 16.87 -0.43 19.14
C GLU A 225 17.64 -1.73 19.34
N ASN A 226 18.78 -1.86 18.67
CA ASN A 226 19.63 -3.04 18.83
C ASN A 226 21.12 -2.70 18.96
#